data_2M21
#
_entry.id   2M21
#
_entity_poly.entity_id   1
_entity_poly.type   'polyribonucleotide'
_entity_poly.pdbx_seq_one_letter_code
;GGCGAUACACUAUUUAUCGCC
;
_entity_poly.pdbx_strand_id   A
#